data_9KZE
#
_entry.id   9KZE
#
_cell.length_a   1.00
_cell.length_b   1.00
_cell.length_c   1.00
_cell.angle_alpha   90.00
_cell.angle_beta   90.00
_cell.angle_gamma   90.00
#
_symmetry.space_group_name_H-M   'P 1'
#
loop_
_entity.id
_entity.type
_entity.pdbx_description
1 polymer 'XGi-183 heavy chain'
2 polymer 'XGi-183 light chain'
3 polymer 'Spike glycoprotein'
4 branched 2-acetamido-2-deoxy-beta-D-glucopyranose-(1-4)-2-acetamido-2-deoxy-beta-D-glucopyranose
#
loop_
_entity_poly.entity_id
_entity_poly.type
_entity_poly.pdbx_seq_one_letter_code
_entity_poly.pdbx_strand_id
1 'polypeptide(L)'
;QVQLVESGGGVVQPGRSLRLSCAASGFTFSTYSMHWVRQAPGKGLEWVAVISYDGSNKHYADSVKGRFTISRDNSQNTLY
LQLNSLRPEDTAVYYCATEGSLTGYYRYWGQGTLGTVSSASTKGPSVFPLAPSSKSTSGGTAALGCLVKDYFPEPVTVSW
NSGALTSGVHTFPAVLQSSGLYSLSSVVTVPSSSLGTQTYICNVNHKPSNTKVDKRVEPKSCDKTHTCPPCPAPELLGGP
SVFLFPPKPKDTLMISRTPEVTCVVVDVSHEDPEVKFNWYVDGVEVHNAKTKPREEQYNSTYRVVSVLTVLHQDWLNGKE
YKCKVSNKALPAPIEKTISKAKGQPREPQVYTLPPSREEMTKNQVSLTCLVKGFYPSDIAVEWESNGQPENNYKTTPPVL
DSDGSFFLYSKLTVDKSRWQQGNVFSCSVMHEALHNHYTQKSLSLSPGK
;
H
2 'polypeptide(L)'
;SYVLTQPPSVSVAPGKTARIPCGGNNIGSKNVHWYQQKPGQAPVLVVYDDSDRPSGIPERFSGSNSGNTATLTISRVEAG
DEADYYCQVWDSSFDPWVFGGGTKLTVLGQPKAAPSVTLFPPSSEELQANKATLVCLISDFYPGAVTVAWKADSSPVKAG
VETTTPSKQSNNKYAASSYLSLTPEQWKSHRSYSCQVTHEGSTVEKTVAPTECS
;
L
3 'polypeptide(L)'
;MPMGSLQPLATLYLLGMLVASVLAQCVNLITRTQSYTNSFTRGVYYPDKVFRSSVLHSTHDLFLPFFSNVTWFHAIHVSG
TNGTKRFDNPALPFNDGVYFASTEKSNIIRGWIFGTTLDSKTQSLLIVNNATNVVIKVCEFQFCNDPFLDVYQKNNKSWM
ESEFRVYSSANNCTFEYVSQPFLMDLEGKEGNFKNLREFVFKNIDGYFKIYSKHTPINLERDLPQGFSALEPLVDLPIGI
NITRFQTLLALHRSYLTPVDSSSGWTAGAAAYYVGYLQPRTFLLKYNENGTITDAVDCALDPLSETKCTLKSFTVEKGIY
QTSNFRVQPTESIVRFPNITNLCPFHEVFNATTFASVYAWNRKRISNCVADYSVIYNFAPFFAFKCYGVSPTKLNDLCFT
NVYADSFVIRGNEVSQIAPGQTGNIADYNYKLPDDFTGCVIAWNSNKLDSKPSGNYNYLYRLLRKSKLKPFERDISTEIY
QAGNKPCNGVAGPNCYSPLQSYGFRPTYGVGHQPYRVVVLSFELLHAPATVCGPKKSTNLVKNKCVNFNFNGLTGTGVLT
ESNKKFLPFQQFGRDIADTTDAVRDPQTLEILDITPCSFGGVSVITPGTNTSNQVAVLYQGVNCTEVPVAIHADQLTPTW
RVYSTGSNVFQTRAGCLIGAEYVNNSYECDIPIGAGICASYQTQTKSHGSASSVASQSIIAYTMSLGAENSVAYSNNSIA
IPTNFTISVTTEILPVSMTKTSVDCTMYICGDSTECSNLLLQYGSFCTQLKRALTGIAVEQDKNTQEVFAQVKQIYKTPP
IKYFGGFNFSQILPDPSKPSKRSPIEDLLFNKVTLADAGFIKQYGDCLGDIAARDLICAQKFNGLTVLPPLLTDEMIAQY
TSALLAGTITSGWTFGAGPALQIPFPMQMAYRFNGIGVTQNVLYENQKLIANQFNSAIGKIQDSLSSTPSALGKLQDVVN
HNAQALNTLVKQLSSKFGAISSVLNDILSRLDPPEAEVQIDRLITGRLQSLQTYVTQQLIRAAEIRASANLAATKMSECV
LGQSKRVDFCGKGYHLMSFPQSAPHGVVFLHVTYVPAQEKNFTTAPAICHDGKAHFPREGVFVSNGTHWFVTQRNFYEPQ
IITTDNTFVSGNCDVVIGIVNNTVYDPLQPELDSFKEELDKYFKNHTSPDVDLGDISGINASVVNIQKEIDRLNEVAKNL
NESLIDLQELGKYEQGSGYIPEAPRDGQAYVRKDGEWVFLSTFLSGLEVLFQGPGGWSHPQFEKGGGSGGGSGGSAWSHP
QFEKGGSHHHHHHHH
;
A
#
loop_
_chem_comp.id
_chem_comp.type
_chem_comp.name
_chem_comp.formula
NAG D-saccharide, beta linking 2-acetamido-2-deoxy-beta-D-glucopyranose 'C8 H15 N O6'
#
# COMPACT_ATOMS: atom_id res chain seq x y z
N GLN A 1 -7.87 -0.65 -24.75
CA GLN A 1 -6.95 -1.12 -23.71
C GLN A 1 -7.54 -0.90 -22.32
N VAL A 2 -6.90 -1.49 -21.31
CA VAL A 2 -7.35 -1.36 -19.93
C VAL A 2 -7.13 0.08 -19.48
N GLN A 3 -8.21 0.77 -19.14
CA GLN A 3 -8.17 2.17 -18.73
C GLN A 3 -8.90 2.35 -17.41
N LEU A 4 -8.28 3.09 -16.50
CA LEU A 4 -8.89 3.42 -15.20
C LEU A 4 -8.64 4.89 -14.93
N VAL A 5 -9.72 5.67 -14.84
CA VAL A 5 -9.64 7.11 -14.62
C VAL A 5 -10.41 7.45 -13.35
N GLU A 6 -9.70 7.97 -12.36
CA GLU A 6 -10.33 8.38 -11.11
C GLU A 6 -10.70 9.86 -11.17
N SER A 7 -11.94 10.18 -10.79
CA SER A 7 -12.36 11.56 -10.77
C SER A 7 -11.68 12.31 -9.64
N GLY A 8 -11.26 13.54 -9.92
CA GLY A 8 -10.55 14.32 -8.92
C GLY A 8 -11.44 14.74 -7.77
N GLY A 9 -10.82 14.90 -6.60
CA GLY A 9 -11.53 15.34 -5.42
C GLY A 9 -11.46 16.85 -5.25
N GLY A 10 -10.78 17.30 -4.22
CA GLY A 10 -10.59 18.72 -3.99
C GLY A 10 -10.41 19.00 -2.51
N VAL A 11 -10.44 20.28 -2.18
CA VAL A 11 -10.31 20.74 -0.80
C VAL A 11 -11.67 20.62 -0.12
N VAL A 12 -11.69 19.97 1.04
CA VAL A 12 -12.93 19.75 1.79
C VAL A 12 -12.64 19.94 3.27
N GLN A 13 -13.62 20.48 3.98
CA GLN A 13 -13.51 20.68 5.42
C GLN A 13 -13.72 19.36 6.16
N PRO A 14 -13.17 19.23 7.36
CA PRO A 14 -13.39 18.00 8.15
C PRO A 14 -14.86 17.82 8.47
N GLY A 15 -15.27 16.55 8.56
CA GLY A 15 -16.65 16.21 8.82
C GLY A 15 -17.56 16.24 7.60
N ARG A 16 -17.06 16.63 6.44
CA ARG A 16 -17.86 16.67 5.22
C ARG A 16 -17.76 15.32 4.51
N SER A 17 -18.24 15.27 3.27
CA SER A 17 -18.23 14.04 2.47
C SER A 17 -17.59 14.32 1.12
N LEU A 18 -16.81 13.36 0.63
CA LEU A 18 -16.16 13.45 -0.66
C LEU A 18 -16.66 12.31 -1.54
N ARG A 19 -17.12 12.67 -2.75
CA ARG A 19 -17.71 11.70 -3.67
C ARG A 19 -16.69 11.40 -4.77
N LEU A 20 -16.18 10.16 -4.77
CA LEU A 20 -15.21 9.72 -5.76
C LEU A 20 -15.86 8.74 -6.73
N SER A 21 -15.18 8.54 -7.87
CA SER A 21 -15.65 7.60 -8.87
C SER A 21 -14.44 7.08 -9.64
N CYS A 22 -14.59 5.87 -10.19
CA CYS A 22 -13.52 5.22 -10.94
C CYS A 22 -14.13 4.55 -12.17
N ALA A 23 -13.98 5.19 -13.33
CA ALA A 23 -14.44 4.62 -14.58
C ALA A 23 -13.40 3.65 -15.12
N ALA A 24 -13.84 2.43 -15.44
CA ALA A 24 -12.96 1.38 -15.91
C ALA A 24 -13.41 0.90 -17.28
N SER A 25 -12.46 0.53 -18.11
CA SER A 25 -12.73 0.02 -19.45
C SER A 25 -11.57 -0.86 -19.89
N GLY A 26 -11.82 -1.65 -20.95
CA GLY A 26 -10.81 -2.52 -21.50
C GLY A 26 -10.82 -3.93 -20.93
N PHE A 27 -11.46 -4.15 -19.79
CA PHE A 27 -11.52 -5.48 -19.19
C PHE A 27 -12.93 -5.71 -18.67
N THR A 28 -13.22 -6.98 -18.35
CA THR A 28 -14.53 -7.37 -17.84
C THR A 28 -14.67 -6.83 -16.42
N PHE A 29 -15.46 -5.77 -16.26
CA PHE A 29 -15.60 -5.14 -14.95
C PHE A 29 -16.50 -5.96 -14.03
N SER A 30 -17.39 -6.78 -14.59
CA SER A 30 -18.34 -7.54 -13.79
C SER A 30 -17.77 -8.84 -13.24
N THR A 31 -16.52 -9.17 -13.55
CA THR A 31 -15.90 -10.41 -13.09
C THR A 31 -14.86 -10.18 -12.00
N TYR A 32 -13.90 -9.29 -12.24
CA TYR A 32 -12.85 -9.04 -11.27
C TYR A 32 -13.36 -8.22 -10.10
N SER A 33 -12.79 -8.47 -8.92
CA SER A 33 -13.14 -7.73 -7.71
C SER A 33 -12.31 -6.46 -7.63
N MET A 34 -12.99 -5.34 -7.45
CA MET A 34 -12.33 -4.04 -7.40
C MET A 34 -11.97 -3.68 -5.97
N HIS A 35 -10.82 -3.05 -5.80
CA HIS A 35 -10.33 -2.63 -4.48
C HIS A 35 -10.07 -1.13 -4.48
N TRP A 36 -9.66 -0.64 -3.31
CA TRP A 36 -9.27 0.75 -3.12
C TRP A 36 -8.01 0.81 -2.28
N VAL A 37 -7.02 1.56 -2.75
CA VAL A 37 -5.76 1.75 -2.03
C VAL A 37 -5.45 3.24 -2.00
N ARG A 38 -5.20 3.78 -0.81
CA ARG A 38 -4.89 5.18 -0.64
C ARG A 38 -3.41 5.34 -0.28
N GLN A 39 -2.85 6.51 -0.62
CA GLN A 39 -1.45 6.81 -0.35
C GLN A 39 -1.35 8.27 0.07
N ALA A 40 -1.03 8.50 1.34
CA ALA A 40 -0.83 9.85 1.82
C ALA A 40 0.47 10.43 1.26
N PRO A 41 0.54 11.76 1.13
CA PRO A 41 1.79 12.37 0.65
C PRO A 41 2.96 12.04 1.57
N GLY A 42 3.93 11.31 1.02
CA GLY A 42 5.08 10.89 1.78
C GLY A 42 4.89 9.64 2.60
N LYS A 43 3.78 8.94 2.43
CA LYS A 43 3.49 7.71 3.16
C LYS A 43 3.32 6.56 2.18
N GLY A 44 3.29 5.34 2.73
CA GLY A 44 3.16 4.15 1.93
C GLY A 44 1.72 3.84 1.56
N LEU A 45 1.55 2.75 0.82
CA LEU A 45 0.24 2.33 0.39
C LEU A 45 -0.54 1.70 1.55
N GLU A 46 -1.83 1.99 1.60
CA GLU A 46 -2.70 1.47 2.64
C GLU A 46 -4.02 1.03 2.02
N TRP A 47 -4.47 -0.16 2.39
CA TRP A 47 -5.72 -0.67 1.84
C TRP A 47 -6.92 0.05 2.44
N VAL A 48 -7.96 0.22 1.62
CA VAL A 48 -9.16 0.95 2.02
C VAL A 48 -10.37 0.01 2.10
N ALA A 49 -10.75 -0.60 0.98
CA ALA A 49 -11.96 -1.41 0.95
C ALA A 49 -11.91 -2.36 -0.24
N VAL A 50 -12.80 -3.35 -0.20
CA VAL A 50 -12.95 -4.35 -1.26
C VAL A 50 -14.42 -4.53 -1.55
N ILE A 51 -14.80 -4.51 -2.82
CA ILE A 51 -16.16 -4.78 -3.26
C ILE A 51 -16.17 -6.10 -4.01
N SER A 52 -17.23 -6.89 -3.81
CA SER A 52 -17.32 -8.19 -4.45
C SER A 52 -17.65 -8.04 -5.93
N TYR A 53 -17.67 -9.18 -6.63
CA TYR A 53 -17.98 -9.17 -8.06
C TYR A 53 -19.44 -8.81 -8.31
N ASP A 54 -20.31 -9.05 -7.33
CA ASP A 54 -21.72 -8.72 -7.44
C ASP A 54 -22.18 -7.69 -6.41
N GLY A 55 -21.28 -7.24 -5.53
CA GLY A 55 -21.63 -6.27 -4.51
C GLY A 55 -22.11 -6.85 -3.20
N SER A 56 -22.00 -8.17 -3.01
CA SER A 56 -22.47 -8.77 -1.77
C SER A 56 -21.43 -8.65 -0.66
N ASN A 57 -20.23 -9.19 -0.88
CA ASN A 57 -19.18 -9.17 0.11
C ASN A 57 -18.50 -7.80 0.12
N LYS A 58 -18.50 -7.14 1.28
CA LYS A 58 -17.84 -5.86 1.46
C LYS A 58 -17.01 -5.89 2.72
N HIS A 59 -15.84 -5.29 2.67
CA HIS A 59 -14.94 -5.26 3.81
C HIS A 59 -14.17 -3.95 3.82
N TYR A 60 -13.80 -3.50 5.02
CA TYR A 60 -13.11 -2.23 5.20
C TYR A 60 -11.97 -2.42 6.19
N ALA A 61 -11.12 -1.40 6.29
CA ALA A 61 -10.03 -1.42 7.24
C ALA A 61 -10.50 -0.94 8.60
N ASP A 62 -9.68 -1.21 9.63
CA ASP A 62 -10.04 -0.81 10.98
C ASP A 62 -9.95 0.69 11.17
N SER A 63 -9.02 1.36 10.48
CA SER A 63 -8.87 2.79 10.62
C SER A 63 -9.97 3.57 9.91
N VAL A 64 -10.69 2.94 8.99
CA VAL A 64 -11.75 3.59 8.23
C VAL A 64 -13.08 2.84 8.36
N LYS A 65 -13.22 2.03 9.41
CA LYS A 65 -14.44 1.25 9.59
C LYS A 65 -15.59 2.14 10.04
N GLY A 66 -16.77 1.87 9.51
CA GLY A 66 -17.98 2.58 9.90
C GLY A 66 -18.37 3.80 9.08
N ARG A 67 -17.40 4.67 8.79
CA ARG A 67 -17.71 5.92 8.09
C ARG A 67 -17.59 5.78 6.57
N PHE A 68 -16.66 4.96 6.08
CA PHE A 68 -16.51 4.79 4.64
C PHE A 68 -17.39 3.67 4.14
N THR A 69 -17.96 3.86 2.95
CA THR A 69 -18.82 2.87 2.30
C THR A 69 -18.39 2.73 0.85
N ILE A 70 -18.15 1.49 0.42
CA ILE A 70 -17.72 1.20 -0.94
C ILE A 70 -18.91 0.67 -1.73
N SER A 71 -18.96 1.02 -3.01
CA SER A 71 -20.05 0.60 -3.89
C SER A 71 -19.56 0.56 -5.32
N ARG A 72 -20.25 -0.23 -6.14
CA ARG A 72 -19.91 -0.35 -7.56
C ARG A 72 -21.18 -0.29 -8.38
N ASP A 73 -21.04 0.14 -9.63
CA ASP A 73 -22.15 0.27 -10.57
C ASP A 73 -21.73 -0.45 -11.86
N ASN A 74 -22.07 -1.73 -11.96
CA ASN A 74 -21.70 -2.52 -13.12
C ASN A 74 -22.49 -2.14 -14.37
N SER A 75 -23.56 -1.36 -14.23
CA SER A 75 -24.33 -0.93 -15.40
C SER A 75 -23.52 0.02 -16.27
N GLN A 76 -22.55 0.73 -15.70
CA GLN A 76 -21.70 1.65 -16.45
C GLN A 76 -20.23 1.46 -16.13
N ASN A 77 -19.86 0.39 -15.42
CA ASN A 77 -18.46 0.08 -15.11
C ASN A 77 -17.77 1.22 -14.38
N THR A 78 -18.44 1.77 -13.37
CA THR A 78 -17.90 2.86 -12.57
C THR A 78 -17.86 2.42 -11.11
N LEU A 79 -16.66 2.46 -10.52
CA LEU A 79 -16.48 2.12 -9.12
C LEU A 79 -16.60 3.37 -8.26
N TYR A 80 -17.38 3.29 -7.20
CA TYR A 80 -17.64 4.43 -6.33
C TYR A 80 -17.05 4.20 -4.94
N LEU A 81 -16.89 5.30 -4.21
CA LEU A 81 -16.38 5.24 -2.84
C LEU A 81 -16.83 6.50 -2.12
N GLN A 82 -17.73 6.34 -1.14
CA GLN A 82 -18.27 7.47 -0.38
C GLN A 82 -17.38 7.71 0.84
N LEU A 83 -16.72 8.86 0.88
CA LEU A 83 -15.85 9.22 1.98
C LEU A 83 -16.61 10.10 2.98
N ASN A 84 -17.54 9.46 3.68
CA ASN A 84 -18.35 10.16 4.67
C ASN A 84 -17.59 10.28 5.99
N SER A 85 -17.89 11.35 6.73
CA SER A 85 -17.26 11.64 8.02
C SER A 85 -15.74 11.73 7.88
N LEU A 86 -15.31 12.71 7.09
CA LEU A 86 -13.89 12.88 6.81
C LEU A 86 -13.14 13.30 8.07
N ARG A 87 -11.85 12.96 8.09
CA ARG A 87 -10.96 13.25 9.20
C ARG A 87 -9.67 13.85 8.65
N PRO A 88 -8.91 14.57 9.49
CA PRO A 88 -7.65 15.15 9.00
C PRO A 88 -6.66 14.11 8.49
N GLU A 89 -6.65 12.91 9.06
CA GLU A 89 -5.73 11.87 8.64
C GLU A 89 -6.20 11.11 7.41
N ASP A 90 -7.26 11.56 6.75
CA ASP A 90 -7.76 10.91 5.55
C ASP A 90 -7.21 11.52 4.27
N THR A 91 -6.33 12.52 4.38
CA THR A 91 -5.74 13.16 3.20
C THR A 91 -4.76 12.19 2.55
N ALA A 92 -5.16 11.60 1.43
CA ALA A 92 -4.34 10.61 0.76
C ALA A 92 -4.78 10.52 -0.70
N VAL A 93 -3.88 10.03 -1.53
CA VAL A 93 -4.15 9.82 -2.95
C VAL A 93 -4.79 8.45 -3.10
N TYR A 94 -6.09 8.43 -3.39
CA TYR A 94 -6.83 7.19 -3.53
C TYR A 94 -6.63 6.61 -4.92
N TYR A 95 -6.15 5.37 -4.98
CA TYR A 95 -5.91 4.68 -6.24
C TYR A 95 -6.97 3.60 -6.45
N CYS A 96 -7.40 3.46 -7.70
CA CYS A 96 -8.40 2.46 -8.07
C CYS A 96 -7.70 1.24 -8.64
N ALA A 97 -7.70 0.15 -7.86
CA ALA A 97 -7.00 -1.07 -8.22
C ALA A 97 -8.00 -2.17 -8.55
N THR A 98 -7.47 -3.27 -9.07
CA THR A 98 -8.26 -4.42 -9.47
C THR A 98 -7.57 -5.71 -9.04
N GLU A 99 -8.30 -6.57 -8.35
CA GLU A 99 -7.76 -7.83 -7.86
C GLU A 99 -7.64 -8.82 -9.00
N GLY A 100 -6.51 -9.53 -9.06
CA GLY A 100 -6.26 -10.48 -10.13
C GLY A 100 -6.85 -11.86 -9.87
N SER A 101 -6.48 -12.47 -8.76
CA SER A 101 -6.94 -13.81 -8.42
C SER A 101 -7.09 -13.92 -6.91
N LEU A 102 -7.31 -15.14 -6.43
CA LEU A 102 -7.50 -15.35 -5.00
C LEU A 102 -6.22 -15.13 -4.20
N THR A 103 -5.06 -15.22 -4.84
CA THR A 103 -3.81 -14.99 -4.14
C THR A 103 -3.64 -13.54 -3.71
N GLY A 104 -4.33 -12.61 -4.37
CA GLY A 104 -4.35 -11.22 -3.94
C GLY A 104 -3.29 -10.34 -4.57
N TYR A 105 -3.21 -10.35 -5.90
CA TYR A 105 -2.29 -9.49 -6.63
C TYR A 105 -3.08 -8.50 -7.48
N TYR A 106 -2.57 -7.28 -7.60
CA TYR A 106 -3.19 -6.25 -8.43
C TYR A 106 -2.47 -6.17 -9.77
N ARG A 107 -3.25 -6.14 -10.85
CA ARG A 107 -2.71 -6.03 -12.19
C ARG A 107 -3.10 -4.74 -12.89
N TYR A 108 -4.23 -4.15 -12.53
CA TYR A 108 -4.72 -2.93 -13.16
C TYR A 108 -4.74 -1.79 -12.15
N TRP A 109 -4.26 -0.62 -12.58
CA TRP A 109 -4.22 0.56 -11.75
C TRP A 109 -4.67 1.76 -12.57
N GLY A 110 -5.02 2.83 -11.87
CA GLY A 110 -5.42 4.09 -12.49
C GLY A 110 -4.32 5.13 -12.42
N GLN A 111 -4.69 6.35 -12.06
CA GLN A 111 -3.72 7.42 -11.85
C GLN A 111 -3.84 8.10 -10.49
N GLY A 112 -4.87 7.79 -9.71
CA GLY A 112 -5.02 8.37 -8.39
C GLY A 112 -5.76 9.69 -8.41
N THR A 113 -6.52 9.93 -7.34
CA THR A 113 -7.26 11.17 -7.15
C THR A 113 -6.76 11.86 -5.89
N LEU A 114 -6.85 13.19 -5.90
CA LEU A 114 -6.33 14.01 -4.80
C LEU A 114 -7.48 14.42 -3.89
N GLY A 115 -7.42 13.97 -2.64
CA GLY A 115 -8.38 14.39 -1.64
C GLY A 115 -7.70 15.04 -0.45
N THR A 116 -7.90 16.33 -0.26
CA THR A 116 -7.23 17.10 0.78
C THR A 116 -8.26 17.58 1.80
N VAL A 117 -7.98 17.33 3.08
CA VAL A 117 -8.84 17.76 4.17
C VAL A 117 -8.19 19.00 4.79
N SER A 118 -8.71 20.17 4.47
CA SER A 118 -8.18 21.44 4.95
C SER A 118 -9.13 22.04 5.98
N SER A 119 -8.57 22.85 6.87
CA SER A 119 -9.34 23.47 7.95
C SER A 119 -9.61 24.95 7.72
N ALA A 120 -9.10 25.53 6.64
CA ALA A 120 -9.28 26.95 6.37
C ALA A 120 -9.61 27.14 4.89
N SER A 121 -9.75 28.39 4.48
CA SER A 121 -10.06 28.76 3.11
C SER A 121 -9.09 29.85 2.66
N THR A 122 -9.27 30.29 1.41
CA THR A 122 -8.38 31.29 0.84
C THR A 122 -8.54 32.63 1.55
N LYS A 123 -7.48 33.43 1.52
CA LYS A 123 -7.46 34.74 2.17
C LYS A 123 -7.13 35.87 1.21
N GLY A 124 -6.95 35.57 -0.07
CA GLY A 124 -6.65 36.58 -1.06
C GLY A 124 -5.23 36.48 -1.60
N PRO A 125 -5.06 36.83 -2.88
CA PRO A 125 -3.73 36.77 -3.52
C PRO A 125 -2.83 37.94 -3.11
N SER A 126 -2.20 37.80 -1.95
CA SER A 126 -1.32 38.84 -1.42
C SER A 126 0.07 38.66 -2.02
N VAL A 127 0.44 39.56 -2.93
CA VAL A 127 1.75 39.54 -3.55
C VAL A 127 2.79 40.02 -2.54
N PHE A 128 4.07 39.82 -2.87
CA PHE A 128 5.15 40.18 -1.96
C PHE A 128 6.17 41.05 -2.67
N PRO A 129 6.86 41.92 -1.92
CA PRO A 129 7.89 42.78 -2.53
C PRO A 129 9.16 42.03 -2.88
N LEU A 130 10.20 42.78 -3.26
CA LEU A 130 11.50 42.23 -3.66
C LEU A 130 11.35 41.36 -4.91
N ALA A 131 10.92 42.00 -5.98
CA ALA A 131 10.78 41.34 -7.27
C ALA A 131 12.15 41.04 -7.88
N LEU A 144 15.22 41.16 -13.36
CA LEU A 144 14.42 40.41 -14.32
C LEU A 144 13.39 39.55 -13.61
N GLY A 145 12.14 39.66 -14.04
CA GLY A 145 11.08 38.88 -13.43
C GLY A 145 10.77 39.34 -12.02
N CYS A 146 10.41 38.39 -11.16
CA CYS A 146 10.09 38.68 -9.77
C CYS A 146 10.70 37.61 -8.87
N LEU A 147 11.14 38.04 -7.69
CA LEU A 147 11.75 37.19 -6.69
C LEU A 147 10.94 37.20 -5.40
N VAL A 148 9.61 37.10 -5.52
CA VAL A 148 8.71 37.22 -4.39
C VAL A 148 8.81 36.00 -3.49
N LYS A 149 8.22 36.08 -2.31
CA LYS A 149 8.18 34.96 -1.37
C LYS A 149 6.85 34.22 -1.37
N ASP A 150 5.75 34.89 -1.69
CA ASP A 150 4.43 34.29 -1.68
C ASP A 150 3.77 34.49 -3.02
N TYR A 151 3.10 33.44 -3.51
CA TYR A 151 2.33 33.49 -4.75
C TYR A 151 1.11 32.60 -4.58
N PHE A 152 -0.09 33.19 -4.73
CA PHE A 152 -1.35 32.50 -4.53
C PHE A 152 -1.36 31.79 -3.17
N PRO A 153 -1.51 32.54 -2.07
CA PRO A 153 -1.37 31.94 -0.74
C PRO A 153 -2.48 30.95 -0.40
N GLU A 154 -2.50 29.81 -1.09
CA GLU A 154 -3.44 28.76 -0.75
C GLU A 154 -3.07 28.16 0.61
N PRO A 155 -4.06 27.83 1.44
CA PRO A 155 -3.73 27.32 2.79
C PRO A 155 -2.91 26.04 2.81
N VAL A 156 -3.02 25.18 1.80
CA VAL A 156 -2.38 23.87 1.91
C VAL A 156 -1.37 23.58 0.80
N THR A 157 -1.84 23.39 -0.44
CA THR A 157 -0.96 22.85 -1.48
C THR A 157 -1.02 23.56 -2.82
N VAL A 158 -2.10 24.26 -3.15
CA VAL A 158 -2.21 24.83 -4.49
C VAL A 158 -1.28 26.02 -4.64
N SER A 159 -0.71 26.19 -5.84
CA SER A 159 0.22 27.27 -6.10
C SER A 159 0.21 27.58 -7.58
N TRP A 160 -0.07 28.84 -7.92
CA TRP A 160 -0.06 29.30 -9.31
C TRP A 160 0.33 30.78 -9.28
N ASN A 161 0.04 31.47 -10.39
CA ASN A 161 0.30 32.90 -10.53
C ASN A 161 1.80 33.21 -10.43
N SER A 162 2.56 32.63 -11.35
CA SER A 162 4.00 32.87 -11.43
C SER A 162 4.21 34.15 -12.24
N GLY A 163 4.31 35.27 -11.52
CA GLY A 163 4.46 36.56 -12.16
C GLY A 163 5.84 36.83 -12.74
N ALA A 164 6.83 36.01 -12.41
CA ALA A 164 8.16 36.19 -12.95
C ALA A 164 8.20 35.79 -14.43
N LEU A 165 9.34 36.05 -15.06
CA LEU A 165 9.52 35.70 -16.47
C LEU A 165 9.60 34.19 -16.62
N THR A 166 8.81 33.64 -17.53
CA THR A 166 8.71 32.21 -17.74
C THR A 166 9.92 31.63 -18.48
N SER A 167 10.95 32.44 -18.74
CA SER A 167 12.12 31.94 -19.45
C SER A 167 12.92 30.97 -18.58
N GLY A 168 13.28 31.40 -17.38
CA GLY A 168 14.06 30.57 -16.49
C GLY A 168 13.60 30.60 -15.04
N VAL A 169 12.30 30.78 -14.84
CA VAL A 169 11.75 30.81 -13.50
C VAL A 169 11.82 29.42 -12.87
N HIS A 170 12.19 29.36 -11.61
CA HIS A 170 12.30 28.10 -10.88
C HIS A 170 11.01 27.80 -10.12
N THR A 171 10.79 26.53 -9.84
CA THR A 171 9.61 26.05 -9.12
C THR A 171 10.10 25.34 -7.86
N PHE A 172 10.05 26.04 -6.73
CA PHE A 172 10.50 25.47 -5.47
C PHE A 172 9.41 24.59 -4.85
N PRO A 173 9.80 23.56 -4.10
CA PRO A 173 8.79 22.67 -3.49
C PRO A 173 7.92 23.41 -2.50
N ALA A 174 6.67 22.97 -2.42
CA ALA A 174 5.71 23.57 -1.49
C ALA A 174 5.96 23.11 -0.07
N VAL A 175 5.74 24.02 0.88
CA VAL A 175 5.92 23.75 2.30
C VAL A 175 4.54 23.61 2.95
N LEU A 176 4.44 22.72 3.94
CA LEU A 176 3.18 22.55 4.65
C LEU A 176 2.80 23.83 5.39
N GLN A 177 3.65 24.25 6.33
CA GLN A 177 3.45 25.48 7.10
C GLN A 177 2.07 25.49 7.77
N SER A 178 1.91 24.56 8.70
CA SER A 178 0.64 24.37 9.40
C SER A 178 0.24 25.55 10.28
N SER A 179 1.03 26.64 10.28
CA SER A 179 0.67 27.82 11.07
C SER A 179 -0.62 28.45 10.60
N GLY A 180 -1.03 28.22 9.35
CA GLY A 180 -2.29 28.76 8.86
C GLY A 180 -2.25 29.23 7.43
N LEU A 181 -1.06 29.49 6.90
CA LEU A 181 -0.90 29.97 5.54
C LEU A 181 0.27 29.27 4.87
N TYR A 182 0.38 29.47 3.56
CA TYR A 182 1.45 28.89 2.75
C TYR A 182 1.87 29.91 1.70
N SER A 183 3.19 29.98 1.46
CA SER A 183 3.76 30.93 0.52
C SER A 183 4.54 30.17 -0.55
N LEU A 184 4.35 30.58 -1.80
CA LEU A 184 5.08 30.01 -2.94
C LEU A 184 6.13 31.01 -3.41
N SER A 185 7.38 30.56 -3.49
CA SER A 185 8.50 31.39 -3.89
C SER A 185 9.03 30.94 -5.24
N SER A 186 9.50 31.89 -6.05
CA SER A 186 10.06 31.60 -7.36
C SER A 186 11.09 32.66 -7.69
N VAL A 187 12.19 32.24 -8.30
CA VAL A 187 13.29 33.13 -8.67
C VAL A 187 13.60 32.94 -10.15
N VAL A 188 14.25 33.95 -10.72
CA VAL A 188 14.64 33.93 -12.12
C VAL A 188 15.78 34.93 -12.30
N THR A 189 16.73 34.57 -13.16
CA THR A 189 17.89 35.42 -13.42
C THR A 189 17.49 36.68 -14.17
N TYR A 200 12.64 47.54 -8.17
CA TYR A 200 11.24 47.42 -8.56
C TYR A 200 10.53 46.36 -7.72
N ILE A 201 9.19 46.41 -7.72
CA ILE A 201 8.40 45.49 -6.91
C ILE A 201 7.51 44.66 -7.84
N CYS A 202 6.76 43.72 -7.25
CA CYS A 202 5.89 42.82 -8.00
C CYS A 202 4.48 42.93 -7.46
N ASN A 203 3.51 43.10 -8.35
CA ASN A 203 2.11 43.23 -7.92
C ASN A 203 1.15 42.47 -8.83
N VAL A 204 1.66 41.64 -9.75
CA VAL A 204 0.80 40.94 -10.69
C VAL A 204 0.09 39.80 -9.98
N ASN A 205 -1.24 39.77 -10.09
CA ASN A 205 -2.06 38.73 -9.49
C ASN A 205 -3.42 38.73 -10.15
N HIS A 206 -3.84 37.56 -10.65
CA HIS A 206 -5.11 37.43 -11.36
C HIS A 206 -6.07 36.48 -10.68
N LYS A 207 -5.61 35.30 -10.27
CA LYS A 207 -6.53 34.33 -9.67
C LYS A 207 -6.56 34.53 -8.15
N PRO A 208 -7.74 34.67 -7.54
CA PRO A 208 -7.86 34.84 -6.09
C PRO A 208 -7.60 33.55 -5.32
N SER B 1 -2.05 -7.77 13.17
CA SER B 1 -1.94 -7.92 11.72
C SER B 1 -0.50 -8.22 11.32
N TYR B 2 -0.32 -8.57 10.04
CA TYR B 2 1.01 -8.87 9.54
C TYR B 2 1.86 -7.61 9.46
N VAL B 3 3.17 -7.78 9.54
CA VAL B 3 4.12 -6.67 9.54
C VAL B 3 5.19 -6.99 8.49
N LEU B 4 5.03 -6.43 7.29
CA LEU B 4 6.05 -6.56 6.26
C LEU B 4 7.16 -5.56 6.49
N THR B 5 8.40 -6.02 6.41
CA THR B 5 9.58 -5.20 6.67
C THR B 5 10.30 -4.92 5.35
N GLN B 6 10.50 -3.65 5.04
CA GLN B 6 11.24 -3.23 3.86
C GLN B 6 12.38 -2.30 4.26
N PRO B 7 13.49 -2.30 3.52
CA PRO B 7 14.54 -1.34 3.79
C PRO B 7 14.10 0.06 3.41
N PRO B 8 14.64 1.09 4.05
CA PRO B 8 14.20 2.46 3.71
C PRO B 8 14.61 2.89 2.31
N SER B 9 15.83 2.56 1.89
CA SER B 9 16.30 2.93 0.56
C SER B 9 17.44 1.99 0.16
N VAL B 10 17.47 1.63 -1.12
CA VAL B 10 18.50 0.76 -1.67
C VAL B 10 19.12 1.47 -2.87
N SER B 11 20.45 1.56 -2.87
CA SER B 11 21.20 2.18 -3.96
C SER B 11 21.92 1.12 -4.76
N VAL B 12 21.85 1.22 -6.08
CA VAL B 12 22.48 0.25 -6.97
C VAL B 12 23.15 1.00 -8.12
N ALA B 13 24.29 0.47 -8.57
CA ALA B 13 25.01 1.04 -9.68
C ALA B 13 24.32 0.69 -11.00
N PRO B 14 24.47 1.53 -12.02
CA PRO B 14 23.84 1.24 -13.31
C PRO B 14 24.43 -0.02 -13.95
N GLY B 15 23.54 -0.85 -14.48
CA GLY B 15 23.94 -2.10 -15.10
C GLY B 15 24.11 -3.27 -14.16
N LYS B 16 24.12 -3.04 -12.86
CA LYS B 16 24.29 -4.10 -11.87
C LYS B 16 22.93 -4.71 -11.54
N THR B 17 22.90 -5.54 -10.50
CA THR B 17 21.69 -6.22 -10.06
C THR B 17 21.25 -5.66 -8.72
N ALA B 18 20.01 -5.20 -8.64
CA ALA B 18 19.44 -4.67 -7.41
C ALA B 18 18.53 -5.71 -6.77
N ARG B 19 18.63 -5.85 -5.45
CA ARG B 19 17.88 -6.85 -4.70
C ARG B 19 17.21 -6.17 -3.52
N ILE B 20 15.88 -6.12 -3.53
CA ILE B 20 15.08 -5.51 -2.48
C ILE B 20 14.35 -6.62 -1.74
N PRO B 21 14.70 -6.92 -0.50
CA PRO B 21 14.03 -8.00 0.23
C PRO B 21 12.75 -7.50 0.90
N CYS B 22 11.98 -8.46 1.42
CA CYS B 22 10.76 -8.15 2.17
C CYS B 22 10.57 -9.25 3.20
N GLY B 23 10.94 -8.97 4.44
CA GLY B 23 10.88 -9.97 5.48
C GLY B 23 9.51 -10.08 6.13
N GLY B 24 9.30 -11.18 6.82
CA GLY B 24 8.04 -11.44 7.49
C GLY B 24 8.00 -12.78 8.21
N ASN B 25 7.17 -12.88 9.24
CA ASN B 25 7.05 -14.13 9.99
C ASN B 25 6.28 -15.15 9.18
N ASN B 26 6.95 -16.26 8.84
CA ASN B 26 6.36 -17.34 8.04
C ASN B 26 5.82 -16.81 6.71
N ILE B 27 6.64 -15.99 6.06
CA ILE B 27 6.23 -15.38 4.79
C ILE B 27 6.26 -16.40 3.66
N GLY B 28 6.93 -17.55 3.85
CA GLY B 28 6.98 -18.56 2.81
C GLY B 28 5.66 -19.26 2.55
N SER B 29 4.76 -19.24 3.52
CA SER B 29 3.46 -19.88 3.36
C SER B 29 2.47 -19.05 2.55
N LYS B 30 2.89 -17.88 2.05
CA LYS B 30 2.03 -17.01 1.29
C LYS B 30 2.81 -16.39 0.14
N ASN B 31 2.07 -15.85 -0.83
CA ASN B 31 2.67 -15.26 -2.01
C ASN B 31 2.97 -13.78 -1.76
N VAL B 32 4.10 -13.32 -2.28
CA VAL B 32 4.54 -11.93 -2.15
C VAL B 32 4.46 -11.28 -3.52
N HIS B 33 3.70 -10.19 -3.61
CA HIS B 33 3.50 -9.47 -4.86
C HIS B 33 4.22 -8.13 -4.79
N TRP B 34 4.83 -7.73 -5.90
CA TRP B 34 5.60 -6.50 -5.98
C TRP B 34 4.96 -5.53 -6.96
N TYR B 35 5.17 -4.23 -6.70
CA TYR B 35 4.63 -3.17 -7.53
C TYR B 35 5.68 -2.08 -7.69
N GLN B 36 5.72 -1.48 -8.89
CA GLN B 36 6.69 -0.43 -9.21
C GLN B 36 5.94 0.89 -9.36
N GLN B 37 6.20 1.81 -8.44
CA GLN B 37 5.57 3.13 -8.44
C GLN B 37 6.63 4.19 -8.70
N LYS B 38 6.53 4.88 -9.84
CA LYS B 38 7.38 5.98 -10.22
C LYS B 38 6.81 7.30 -9.69
N PRO B 39 7.66 8.19 -9.17
CA PRO B 39 7.16 9.47 -8.63
C PRO B 39 6.31 10.25 -9.61
N GLY B 40 5.03 10.42 -9.28
CA GLY B 40 4.09 11.11 -10.12
C GLY B 40 3.10 10.23 -10.86
N GLN B 41 3.17 8.91 -10.67
CA GLN B 41 2.28 7.98 -11.33
C GLN B 41 1.83 6.91 -10.34
N ALA B 42 1.07 5.94 -10.82
CA ALA B 42 0.54 4.86 -10.00
C ALA B 42 1.47 3.65 -10.06
N PRO B 43 1.41 2.78 -9.04
CA PRO B 43 2.24 1.58 -9.07
C PRO B 43 1.89 0.67 -10.22
N VAL B 44 2.88 -0.09 -10.70
CA VAL B 44 2.72 -1.01 -11.82
C VAL B 44 3.20 -2.37 -11.37
N LEU B 45 2.43 -3.42 -11.70
CA LEU B 45 2.78 -4.77 -11.31
C LEU B 45 4.01 -5.25 -12.06
N VAL B 46 4.90 -5.94 -11.36
CA VAL B 46 6.13 -6.49 -11.92
C VAL B 46 6.20 -8.00 -11.77
N VAL B 47 6.11 -8.48 -10.52
CA VAL B 47 6.12 -9.92 -10.23
C VAL B 47 5.05 -10.18 -9.17
N TYR B 48 4.05 -10.98 -9.51
CA TYR B 48 2.91 -11.20 -8.62
C TYR B 48 3.09 -12.43 -7.73
N ASP B 49 3.17 -13.62 -8.31
CA ASP B 49 3.31 -14.84 -7.52
C ASP B 49 4.76 -15.26 -7.39
N ASP B 50 5.63 -14.30 -7.05
CA ASP B 50 7.02 -14.54 -6.67
C ASP B 50 7.87 -15.10 -7.81
N SER B 51 7.24 -15.47 -8.93
CA SER B 51 7.97 -16.05 -10.04
C SER B 51 7.60 -15.49 -11.41
N ASP B 52 6.37 -15.07 -11.64
CA ASP B 52 5.89 -14.73 -12.97
C ASP B 52 5.76 -13.23 -13.14
N ARG B 53 5.74 -12.79 -14.41
CA ARG B 53 5.62 -11.39 -14.80
C ARG B 53 4.48 -11.22 -15.79
N PRO B 54 3.72 -10.13 -15.70
CA PRO B 54 2.65 -9.88 -16.66
C PRO B 54 3.22 -9.42 -18.00
N SER B 55 2.33 -9.22 -18.97
CA SER B 55 2.74 -8.78 -20.28
C SER B 55 3.23 -7.34 -20.24
N GLY B 56 4.46 -7.12 -20.70
CA GLY B 56 5.06 -5.80 -20.73
C GLY B 56 6.19 -5.60 -19.75
N ILE B 57 6.55 -6.61 -18.98
CA ILE B 57 7.63 -6.52 -18.01
C ILE B 57 8.86 -7.24 -18.58
N PRO B 58 10.03 -6.61 -18.60
CA PRO B 58 11.22 -7.29 -19.14
C PRO B 58 11.64 -8.46 -18.28
N GLU B 59 12.44 -9.34 -18.90
CA GLU B 59 12.90 -10.55 -18.23
C GLU B 59 13.88 -10.26 -17.10
N ARG B 60 14.43 -9.04 -17.02
CA ARG B 60 15.40 -8.72 -15.98
C ARG B 60 14.77 -8.74 -14.59
N PHE B 61 13.46 -8.62 -14.48
CA PHE B 61 12.80 -8.70 -13.18
C PHE B 61 12.57 -10.15 -12.80
N SER B 62 12.85 -10.46 -11.53
CA SER B 62 12.65 -11.80 -11.01
C SER B 62 12.52 -11.73 -9.50
N GLY B 63 11.98 -12.80 -8.92
CA GLY B 63 11.76 -12.85 -7.49
C GLY B 63 11.88 -14.28 -6.97
N SER B 64 11.81 -14.40 -5.65
CA SER B 64 11.87 -15.70 -5.00
C SER B 64 11.17 -15.59 -3.64
N ASN B 65 10.77 -16.75 -3.11
CA ASN B 65 10.07 -16.83 -1.84
C ASN B 65 10.59 -18.05 -1.10
N SER B 66 11.44 -17.82 -0.10
CA SER B 66 12.01 -18.90 0.70
C SER B 66 12.46 -18.35 2.03
N GLY B 67 12.43 -19.22 3.05
CA GLY B 67 12.83 -18.81 4.38
C GLY B 67 11.81 -17.87 5.00
N ASN B 68 12.30 -16.87 5.74
CA ASN B 68 11.47 -15.89 6.41
C ASN B 68 11.59 -14.50 5.78
N THR B 69 12.04 -14.43 4.53
CA THR B 69 12.19 -13.14 3.85
C THR B 69 12.08 -13.35 2.35
N ALA B 70 11.45 -12.38 1.68
CA ALA B 70 11.31 -12.43 0.24
C ALA B 70 12.54 -11.85 -0.43
N THR B 71 12.54 -11.84 -1.77
CA THR B 71 13.67 -11.33 -2.54
C THR B 71 13.18 -10.92 -3.91
N LEU B 72 13.50 -9.68 -4.31
CA LEU B 72 13.16 -9.16 -5.63
C LEU B 72 14.46 -8.89 -6.38
N THR B 73 14.85 -9.82 -7.25
CA THR B 73 16.09 -9.74 -7.99
C THR B 73 15.83 -8.97 -9.28
N ILE B 74 16.39 -7.76 -9.38
CA ILE B 74 16.27 -6.91 -10.56
C ILE B 74 17.68 -6.71 -11.11
N SER B 75 17.94 -7.29 -12.27
CA SER B 75 19.26 -7.22 -12.90
C SER B 75 19.28 -6.16 -13.99
N ARG B 76 20.47 -5.65 -14.27
CA ARG B 76 20.69 -4.63 -15.29
C ARG B 76 19.78 -3.41 -15.06
N VAL B 77 19.89 -2.86 -13.86
CA VAL B 77 19.08 -1.71 -13.47
C VAL B 77 19.64 -0.47 -14.15
N GLU B 78 18.92 0.03 -15.15
CA GLU B 78 19.33 1.25 -15.84
C GLU B 78 18.93 2.48 -15.03
N ALA B 79 19.29 3.66 -15.55
CA ALA B 79 18.96 4.90 -14.85
C ALA B 79 17.47 5.20 -14.87
N GLY B 80 16.72 4.59 -15.78
CA GLY B 80 15.29 4.81 -15.87
C GLY B 80 14.43 3.98 -14.96
N ASP B 81 15.03 3.21 -14.04
CA ASP B 81 14.29 2.37 -13.12
C ASP B 81 14.27 2.94 -11.69
N GLU B 82 14.35 4.26 -11.56
CA GLU B 82 14.31 4.91 -10.26
C GLU B 82 12.85 5.04 -9.85
N ALA B 83 12.39 4.15 -8.98
CA ALA B 83 11.00 4.15 -8.53
C ALA B 83 10.93 3.50 -7.16
N ASP B 84 9.74 3.51 -6.58
CA ASP B 84 9.49 2.90 -5.27
C ASP B 84 8.78 1.58 -5.46
N TYR B 85 9.09 0.62 -4.58
CA TYR B 85 8.54 -0.72 -4.66
C TYR B 85 7.85 -1.08 -3.35
N TYR B 86 6.79 -1.88 -3.45
CA TYR B 86 6.00 -2.29 -2.30
C TYR B 86 5.66 -3.77 -2.39
N CYS B 87 5.53 -4.40 -1.23
CA CYS B 87 5.12 -5.79 -1.14
C CYS B 87 3.64 -5.90 -0.81
N GLN B 88 3.11 -7.12 -0.93
CA GLN B 88 1.72 -7.37 -0.59
C GLN B 88 1.56 -8.86 -0.27
N VAL B 89 0.96 -9.16 0.88
CA VAL B 89 0.73 -10.52 1.31
C VAL B 89 -0.66 -10.63 1.92
N TRP B 90 -1.21 -11.84 1.90
CA TRP B 90 -2.48 -12.13 2.54
C TRP B 90 -2.23 -12.85 3.86
N ASP B 91 -2.83 -12.33 4.93
CA ASP B 91 -2.54 -12.78 6.28
C ASP B 91 -3.79 -13.38 6.93
N SER B 92 -3.56 -14.20 7.96
CA SER B 92 -4.61 -14.84 8.73
C SER B 92 -5.29 -13.90 9.72
N SER B 93 -5.02 -12.61 9.62
CA SER B 93 -5.62 -11.59 10.48
C SER B 93 -7.02 -11.27 10.01
N PHE B 94 -7.57 -10.12 10.46
CA PHE B 94 -8.90 -9.68 10.07
C PHE B 94 -8.92 -9.26 8.61
N ASP B 95 -7.87 -9.63 7.89
CA ASP B 95 -7.68 -9.49 6.44
C ASP B 95 -7.58 -8.04 5.97
N PRO B 96 -6.64 -7.25 6.47
CA PRO B 96 -6.22 -6.05 5.72
C PRO B 96 -5.06 -6.41 4.81
N TRP B 97 -5.13 -5.90 3.58
CA TRP B 97 -4.09 -6.19 2.60
C TRP B 97 -2.81 -5.46 2.98
N VAL B 98 -1.92 -6.15 3.68
CA VAL B 98 -0.74 -5.52 4.27
C VAL B 98 0.24 -5.15 3.16
N PHE B 99 0.52 -3.86 3.03
CA PHE B 99 1.56 -3.36 2.15
C PHE B 99 2.82 -3.06 2.96
N GLY B 100 3.96 -3.10 2.29
CA GLY B 100 5.22 -2.83 2.96
C GLY B 100 5.44 -1.35 3.21
N GLY B 101 6.53 -1.06 3.91
CA GLY B 101 6.89 0.32 4.22
C GLY B 101 7.41 1.12 3.05
N GLY B 102 7.68 0.46 1.93
CA GLY B 102 8.18 1.16 0.75
C GLY B 102 9.69 1.22 0.68
N THR B 103 10.24 1.01 -0.50
CA THR B 103 11.68 1.06 -0.72
C THR B 103 11.96 1.86 -1.98
N LYS B 104 12.75 2.92 -1.85
CA LYS B 104 13.09 3.79 -2.97
C LYS B 104 14.42 3.31 -3.56
N LEU B 105 14.36 2.76 -4.78
CA LEU B 105 15.54 2.29 -5.48
C LEU B 105 16.11 3.42 -6.32
N THR B 106 17.25 3.96 -5.90
CA THR B 106 17.88 5.07 -6.60
C THR B 106 19.11 4.57 -7.35
N VAL B 107 19.32 5.12 -8.54
CA VAL B 107 20.46 4.79 -9.38
C VAL B 107 21.48 5.91 -9.27
N LEU B 108 22.73 5.54 -8.97
CA LEU B 108 23.81 6.53 -8.80
C LEU B 108 24.21 7.06 -10.17
N GLY B 109 23.65 8.20 -10.54
CA GLY B 109 23.97 8.82 -11.81
C GLY B 109 25.10 9.82 -11.71
N GLN B 110 25.06 10.69 -10.70
CA GLN B 110 26.09 11.68 -10.50
C GLN B 110 26.73 11.50 -9.13
N PRO B 111 28.04 11.71 -9.01
CA PRO B 111 28.71 11.50 -7.72
C PRO B 111 28.29 12.50 -6.65
N LYS B 112 28.34 13.79 -6.97
CA LYS B 112 28.05 14.82 -5.99
C LYS B 112 27.83 16.14 -6.72
N ALA B 113 27.10 17.04 -6.06
CA ALA B 113 26.83 18.36 -6.61
C ALA B 113 26.86 19.38 -5.49
N ALA B 114 27.04 20.64 -5.86
CA ALA B 114 27.10 21.74 -4.90
C ALA B 114 25.82 22.56 -4.96
N PRO B 115 25.15 22.77 -3.83
CA PRO B 115 23.90 23.53 -3.85
C PRO B 115 24.13 25.03 -3.99
N SER B 116 23.09 25.71 -4.47
CA SER B 116 23.10 27.16 -4.64
C SER B 116 22.05 27.78 -3.73
N VAL B 117 22.46 28.79 -2.98
CA VAL B 117 21.59 29.47 -2.03
C VAL B 117 21.32 30.88 -2.54
N THR B 118 20.05 31.26 -2.57
CA THR B 118 19.63 32.59 -3.01
C THR B 118 18.89 33.27 -1.87
N LEU B 119 19.38 34.44 -1.45
CA LEU B 119 18.78 35.18 -0.35
C LEU B 119 19.03 36.66 -0.55
N PHE B 120 17.99 37.46 -0.40
CA PHE B 120 18.05 38.90 -0.51
C PHE B 120 17.12 39.52 0.51
N PRO B 121 17.47 40.69 1.05
CA PRO B 121 16.64 41.30 2.10
C PRO B 121 15.27 41.70 1.57
N PRO B 122 14.20 41.30 2.27
CA PRO B 122 12.86 41.68 1.81
C PRO B 122 12.61 43.17 1.99
N SER B 123 11.89 43.75 1.03
CA SER B 123 11.60 45.17 1.06
C SER B 123 10.60 45.50 2.16
N SER B 124 10.41 46.80 2.40
CA SER B 124 9.53 47.28 3.46
C SER B 124 8.06 47.25 3.09
N GLU B 125 7.72 46.85 1.86
CA GLU B 125 6.31 46.81 1.46
C GLU B 125 5.55 45.74 2.23
N GLU B 126 6.21 44.64 2.59
CA GLU B 126 5.56 43.59 3.37
C GLU B 126 5.53 43.90 4.87
N LEU B 127 6.26 44.93 5.31
CA LEU B 127 6.27 45.30 6.72
C LEU B 127 5.01 46.03 7.15
N GLN B 128 4.13 46.39 6.21
CA GLN B 128 2.89 47.08 6.58
C GLN B 128 1.99 46.17 7.40
N ALA B 129 2.00 44.87 7.10
CA ALA B 129 1.22 43.89 7.86
C ALA B 129 2.04 43.17 8.92
N ASN B 130 3.37 43.26 8.85
CA ASN B 130 4.27 42.61 9.80
C ASN B 130 4.02 41.10 9.85
N LYS B 131 4.24 40.46 8.71
CA LYS B 131 4.04 39.03 8.56
C LYS B 131 5.38 38.30 8.60
N ALA B 132 5.33 37.04 9.02
CA ALA B 132 6.53 36.21 9.07
C ALA B 132 6.98 35.87 7.65
N THR B 133 8.23 36.21 7.32
CA THR B 133 8.74 36.03 5.97
C THR B 133 10.22 35.69 6.01
N LEU B 134 10.58 34.59 5.34
CA LEU B 134 11.96 34.22 5.12
C LEU B 134 12.20 34.07 3.62
N VAL B 135 13.37 34.52 3.16
CA VAL B 135 13.62 34.66 1.73
C VAL B 135 14.67 33.69 1.20
N CYS B 136 15.54 33.13 2.05
CA CYS B 136 16.62 32.28 1.55
C CYS B 136 16.07 30.99 0.96
N LEU B 137 16.44 30.71 -0.28
CA LEU B 137 16.01 29.52 -1.00
C LEU B 137 17.24 28.73 -1.45
N ILE B 138 17.17 27.42 -1.34
CA ILE B 138 18.29 26.53 -1.61
C ILE B 138 17.87 25.53 -2.67
N SER B 139 18.67 25.40 -3.72
CA SER B 139 18.39 24.47 -4.81
C SER B 139 19.71 24.00 -5.40
N ASP B 140 19.62 23.39 -6.59
CA ASP B 140 20.80 22.95 -7.35
C ASP B 140 21.62 21.89 -6.61
N PHE B 141 20.96 20.86 -6.07
CA PHE B 141 21.63 19.77 -5.39
C PHE B 141 21.14 18.44 -5.94
N TYR B 142 22.07 17.56 -6.27
CA TYR B 142 21.76 16.25 -6.85
C TYR B 142 21.33 15.21 -5.82
N PRO B 143 22.04 15.04 -4.69
CA PRO B 143 21.66 13.97 -3.76
C PRO B 143 20.23 14.07 -3.24
N GLY B 144 19.67 15.27 -3.17
CA GLY B 144 18.29 15.44 -2.74
C GLY B 144 18.07 15.37 -1.25
N ALA B 145 19.13 15.32 -0.44
CA ALA B 145 19.01 15.25 1.02
C ALA B 145 19.57 16.53 1.61
N VAL B 146 18.68 17.47 1.93
CA VAL B 146 19.05 18.75 2.52
C VAL B 146 18.23 18.97 3.77
N THR B 147 18.78 19.78 4.68
CA THR B 147 18.14 20.10 5.95
C THR B 147 18.24 21.59 6.22
N VAL B 148 17.17 22.15 6.79
CA VAL B 148 17.18 23.56 7.16
C VAL B 148 18.13 23.75 8.34
N ALA B 149 19.04 24.71 8.21
CA ALA B 149 20.09 24.94 9.19
C ALA B 149 20.21 26.42 9.52
N TRP B 150 19.08 27.04 9.84
CA TRP B 150 19.10 28.42 10.34
C TRP B 150 19.96 28.52 11.58
N LYS B 151 21.09 29.21 11.47
CA LYS B 151 22.05 29.33 12.56
C LYS B 151 21.95 30.73 13.16
N ALA B 152 21.65 30.78 14.46
CA ALA B 152 21.62 32.04 15.19
C ALA B 152 23.05 32.38 15.64
N ASP B 153 23.90 32.63 14.65
CA ASP B 153 25.34 32.80 14.84
C ASP B 153 25.94 31.60 15.56
N SER B 154 25.87 30.45 14.88
CA SER B 154 26.35 29.17 15.40
C SER B 154 25.61 28.76 16.67
N SER B 155 24.28 28.86 16.64
CA SER B 155 23.43 28.47 17.75
C SER B 155 22.02 28.26 17.23
N PRO B 156 21.22 27.41 17.89
CA PRO B 156 19.85 27.19 17.41
C PRO B 156 18.94 28.38 17.66
N VAL B 157 17.68 28.27 17.25
CA VAL B 157 16.70 29.34 17.39
C VAL B 157 15.46 28.78 18.07
N LYS B 158 14.64 29.69 18.60
CA LYS B 158 13.43 29.32 19.30
C LYS B 158 12.30 29.04 18.31
N ALA B 159 11.11 28.75 18.86
CA ALA B 159 9.89 28.49 18.09
C ALA B 159 10.02 27.30 17.15
N GLY B 160 11.00 26.42 17.39
CA GLY B 160 11.16 25.24 16.58
C GLY B 160 11.70 25.50 15.18
N VAL B 161 12.22 24.46 14.54
CA VAL B 161 12.75 24.55 13.19
C VAL B 161 12.19 23.37 12.39
N GLU B 162 11.65 23.66 11.21
CA GLU B 162 11.08 22.63 10.34
C GLU B 162 11.84 22.61 9.02
N THR B 163 11.84 21.43 8.39
CA THR B 163 12.51 21.23 7.11
C THR B 163 11.50 20.74 6.09
N THR B 164 11.46 21.40 4.93
CA THR B 164 10.53 21.02 3.87
C THR B 164 11.05 19.81 3.12
N THR B 165 10.14 18.88 2.83
CA THR B 165 10.51 17.68 2.09
C THR B 165 10.85 18.05 0.66
N PRO B 166 12.00 17.62 0.13
CA PRO B 166 12.35 17.96 -1.25
C PRO B 166 11.40 17.35 -2.26
N SER B 167 11.40 17.92 -3.46
CA SER B 167 10.54 17.47 -4.55
C SER B 167 11.39 17.00 -5.71
N LYS B 168 10.86 16.04 -6.46
CA LYS B 168 11.59 15.46 -7.58
C LYS B 168 11.70 16.48 -8.72
N GLN B 169 12.90 16.62 -9.26
CA GLN B 169 13.16 17.51 -10.37
C GLN B 169 13.13 16.71 -11.67
N SER B 170 13.50 17.35 -12.78
CA SER B 170 13.48 16.72 -14.10
C SER B 170 14.79 15.96 -14.34
N ASN B 171 15.03 14.96 -13.49
CA ASN B 171 16.21 14.10 -13.58
C ASN B 171 17.50 14.91 -13.58
N ASN B 172 17.56 15.91 -12.71
CA ASN B 172 18.71 16.80 -12.62
C ASN B 172 18.84 17.26 -11.17
N LYS B 173 19.60 18.33 -10.95
CA LYS B 173 19.75 18.88 -9.61
C LYS B 173 18.40 19.30 -9.05
N TYR B 174 18.12 18.90 -7.81
CA TYR B 174 16.83 19.13 -7.19
C TYR B 174 16.75 20.54 -6.60
N ALA B 175 15.62 20.83 -5.96
CA ALA B 175 15.39 22.12 -5.33
C ALA B 175 14.73 21.90 -3.98
N ALA B 176 14.77 22.94 -3.15
CA ALA B 176 14.20 22.87 -1.81
C ALA B 176 13.78 24.27 -1.38
N SER B 177 13.08 24.31 -0.24
CA SER B 177 12.61 25.57 0.34
C SER B 177 12.94 25.56 1.83
N SER B 178 13.43 26.69 2.33
CA SER B 178 13.88 26.83 3.71
C SER B 178 13.31 28.09 4.34
N TYR B 179 12.01 28.32 4.17
CA TYR B 179 11.32 29.44 4.80
C TYR B 179 10.17 28.93 5.65
N LEU B 180 9.99 29.57 6.81
CA LEU B 180 8.92 29.20 7.73
C LEU B 180 8.44 30.47 8.43
N SER B 181 7.64 30.27 9.48
CA SER B 181 7.04 31.38 10.21
C SER B 181 7.86 31.68 11.46
N LEU B 182 8.32 32.93 11.58
CA LEU B 182 9.06 33.36 12.75
C LEU B 182 9.02 34.89 12.80
N THR B 183 9.21 35.43 14.01
CA THR B 183 9.11 36.86 14.24
C THR B 183 10.11 37.63 13.37
N PRO B 184 9.63 38.48 12.45
CA PRO B 184 10.56 39.25 11.61
C PRO B 184 11.03 40.57 12.22
N GLU B 185 10.58 40.91 13.42
CA GLU B 185 10.97 42.17 14.04
C GLU B 185 12.46 42.20 14.37
N GLN B 186 13.07 41.04 14.59
CA GLN B 186 14.49 40.94 14.88
C GLN B 186 15.27 40.35 13.71
N TRP B 187 14.89 40.69 12.47
CA TRP B 187 15.54 40.12 11.29
C TRP B 187 16.78 40.93 10.96
N LYS B 188 17.95 40.31 11.12
CA LYS B 188 19.25 40.88 10.75
C LYS B 188 19.56 42.18 11.47
N SER B 189 18.93 42.42 12.63
CA SER B 189 19.33 43.56 13.43
C SER B 189 20.69 43.34 14.08
N HIS B 190 20.97 42.11 14.48
CA HIS B 190 22.27 41.71 15.02
C HIS B 190 22.48 40.24 14.67
N ARG B 191 23.36 39.57 15.42
CA ARG B 191 23.71 38.17 15.20
C ARG B 191 22.57 37.20 15.56
N SER B 192 21.36 37.71 15.79
CA SER B 192 20.25 36.87 16.24
C SER B 192 19.91 35.78 15.24
N TYR B 193 20.18 36.01 13.96
CA TYR B 193 19.76 35.03 12.95
C TYR B 193 20.71 35.06 11.76
N SER B 194 20.74 33.94 11.05
CA SER B 194 21.49 33.77 9.80
C SER B 194 21.04 32.46 9.16
N CYS B 195 20.82 32.50 7.85
CA CYS B 195 20.29 31.35 7.12
C CYS B 195 21.42 30.58 6.45
N GLN B 196 21.57 29.31 6.81
CA GLN B 196 22.53 28.41 6.18
C GLN B 196 21.88 27.04 6.02
N VAL B 197 22.60 26.15 5.34
CA VAL B 197 22.12 24.79 5.10
C VAL B 197 23.30 23.83 5.19
N THR B 198 23.05 22.63 5.69
CA THR B 198 24.05 21.58 5.80
C THR B 198 23.75 20.52 4.75
N HIS B 199 24.45 20.61 3.61
CA HIS B 199 24.25 19.67 2.51
C HIS B 199 25.17 18.47 2.74
N GLU B 200 24.73 17.59 3.65
CA GLU B 200 25.47 16.37 4.00
C GLU B 200 26.90 16.67 4.44
N GLY B 201 27.05 17.69 5.28
CA GLY B 201 28.34 18.07 5.80
C GLY B 201 29.00 19.27 5.13
N SER B 202 28.23 20.12 4.46
CA SER B 202 28.78 21.30 3.80
C SER B 202 27.82 22.47 4.00
N THR B 203 28.38 23.62 4.34
CA THR B 203 27.61 24.85 4.56
C THR B 203 28.07 25.92 3.59
N VAL B 204 27.28 27.00 3.53
CA VAL B 204 27.55 28.13 2.64
C VAL B 204 27.72 29.37 3.50
N GLU B 205 28.94 29.90 3.54
CA GLU B 205 29.24 31.13 4.27
C GLU B 205 28.71 32.30 3.46
N LYS B 206 27.44 32.66 3.69
CA LYS B 206 26.80 33.69 2.90
C LYS B 206 27.24 35.08 3.33
N THR B 207 27.33 35.31 4.65
CA THR B 207 27.65 36.63 5.21
C THR B 207 26.70 37.69 4.66
N VAL B 208 25.41 37.46 4.94
CA VAL B 208 24.37 38.33 4.37
C VAL B 208 24.38 39.68 5.09
N ALA B 209 23.77 40.67 4.43
CA ALA B 209 23.66 42.02 4.94
C ALA B 209 22.32 42.60 4.51
N PRO B 210 21.71 43.45 5.32
CA PRO B 210 20.40 44.02 4.95
C PRO B 210 20.50 45.02 3.82
N THR B 211 19.36 45.61 3.44
CA THR B 211 19.27 46.59 2.37
C THR B 211 19.77 46.01 1.04
N THR C 340 15.77 -25.43 -11.19
CA THR C 340 14.67 -26.00 -10.43
C THR C 340 15.06 -26.20 -8.97
N ASN C 341 14.27 -25.63 -8.07
CA ASN C 341 14.50 -25.70 -6.64
C ASN C 341 13.36 -26.46 -5.96
N LEU C 342 13.42 -26.50 -4.64
CA LEU C 342 12.40 -27.20 -3.87
C LEU C 342 11.14 -26.37 -3.74
N CYS C 343 10.04 -27.02 -3.40
CA CYS C 343 8.75 -26.38 -3.24
C CYS C 343 8.53 -25.94 -1.79
N PRO C 344 7.64 -24.99 -1.55
CA PRO C 344 7.42 -24.50 -0.18
C PRO C 344 6.53 -25.41 0.66
N PHE C 345 6.35 -26.66 0.23
CA PHE C 345 5.53 -27.61 0.98
C PHE C 345 5.95 -27.69 2.44
N HIS C 346 7.25 -27.65 2.71
CA HIS C 346 7.73 -27.71 4.08
C HIS C 346 7.47 -26.41 4.84
N GLU C 347 7.27 -25.31 4.13
CA GLU C 347 7.00 -24.03 4.77
C GLU C 347 5.52 -23.75 4.95
N VAL C 348 4.64 -24.62 4.45
CA VAL C 348 3.21 -24.45 4.60
C VAL C 348 2.64 -25.33 5.71
N PHE C 349 3.06 -26.60 5.77
CA PHE C 349 2.52 -27.51 6.75
C PHE C 349 3.04 -27.23 8.16
N ASN C 350 4.14 -26.49 8.27
CA ASN C 350 4.73 -26.22 9.58
C ASN C 350 4.70 -24.73 9.91
N ALA C 351 3.58 -24.08 9.61
CA ALA C 351 3.43 -22.66 9.93
C ALA C 351 3.08 -22.47 11.39
N THR C 352 3.73 -21.49 12.02
CA THR C 352 3.47 -21.22 13.43
C THR C 352 2.06 -20.69 13.67
N THR C 353 1.46 -20.06 12.67
CA THR C 353 0.10 -19.53 12.76
C THR C 353 -0.67 -19.96 11.52
N PHE C 354 -1.78 -20.67 11.73
CA PHE C 354 -2.58 -21.19 10.64
C PHE C 354 -3.77 -20.27 10.37
N ALA C 355 -4.23 -20.26 9.12
CA ALA C 355 -5.30 -19.38 8.72
C ALA C 355 -6.65 -19.92 9.16
N SER C 356 -7.58 -19.01 9.43
CA SER C 356 -8.94 -19.38 9.79
C SER C 356 -9.67 -19.92 8.56
N VAL C 357 -10.85 -20.50 8.80
CA VAL C 357 -11.60 -21.10 7.71
C VAL C 357 -12.25 -20.03 6.84
N TYR C 358 -12.53 -18.86 7.40
CA TYR C 358 -13.09 -17.77 6.63
C TYR C 358 -12.04 -16.88 5.99
N ALA C 359 -10.76 -17.10 6.30
CA ALA C 359 -9.65 -16.36 5.72
C ALA C 359 -8.55 -17.33 5.28
N TRP C 360 -8.95 -18.40 4.60
CA TRP C 360 -8.00 -19.41 4.17
C TRP C 360 -7.08 -18.88 3.09
N ASN C 361 -5.79 -19.17 3.23
CA ASN C 361 -4.80 -18.73 2.26
C ASN C 361 -4.79 -19.66 1.05
N ARG C 362 -4.23 -19.15 -0.05
CA ARG C 362 -4.10 -19.93 -1.29
C ARG C 362 -2.68 -19.69 -1.82
N LYS C 363 -1.75 -20.53 -1.37
CA LYS C 363 -0.35 -20.41 -1.78
C LYS C 363 -0.17 -21.05 -3.15
N ARG C 364 -0.05 -20.23 -4.18
CA ARG C 364 0.18 -20.74 -5.53
C ARG C 364 1.61 -21.23 -5.66
N ILE C 365 1.78 -22.47 -6.10
CA ILE C 365 3.07 -23.13 -6.16
C ILE C 365 3.43 -23.34 -7.63
N SER C 366 4.58 -22.82 -8.04
CA SER C 366 5.05 -22.96 -9.41
C SER C 366 6.57 -22.85 -9.43
N ASN C 367 7.16 -23.46 -10.45
CA ASN C 367 8.61 -23.43 -10.69
C ASN C 367 9.38 -24.02 -9.50
N CYS C 368 9.08 -25.29 -9.22
CA CYS C 368 9.78 -26.02 -8.17
C CYS C 368 9.52 -27.50 -8.35
N VAL C 369 10.44 -28.31 -7.82
CA VAL C 369 10.32 -29.76 -7.86
C VAL C 369 9.56 -30.22 -6.61
N ALA C 370 8.45 -30.91 -6.81
CA ALA C 370 7.58 -31.33 -5.72
C ALA C 370 8.13 -32.60 -5.09
N ASP C 371 8.66 -32.48 -3.87
CA ASP C 371 9.17 -33.62 -3.12
C ASP C 371 8.10 -34.01 -2.10
N TYR C 372 7.25 -34.97 -2.47
CA TYR C 372 6.14 -35.39 -1.63
C TYR C 372 6.57 -36.26 -0.46
N SER C 373 7.86 -36.59 -0.34
CA SER C 373 8.32 -37.36 0.80
C SER C 373 8.31 -36.56 2.10
N VAL C 374 8.36 -35.23 2.01
CA VAL C 374 8.33 -34.40 3.20
C VAL C 374 6.92 -34.22 3.74
N ILE C 375 5.89 -34.56 2.95
CA ILE C 375 4.52 -34.38 3.40
C ILE C 375 4.19 -35.33 4.54
N TYR C 376 4.58 -36.60 4.40
CA TYR C 376 4.24 -37.60 5.41
C TYR C 376 4.98 -37.38 6.73
N ASN C 377 6.04 -36.57 6.72
CA ASN C 377 6.83 -36.38 7.94
C ASN C 377 6.11 -35.47 8.93
N PHE C 378 5.32 -34.51 8.45
CA PHE C 378 4.62 -33.56 9.30
C PHE C 378 3.10 -33.62 9.15
N ALA C 379 2.56 -34.73 8.65
CA ALA C 379 1.12 -34.88 8.45
C ALA C 379 0.68 -36.27 8.88
N PRO C 380 0.45 -36.48 10.17
CA PRO C 380 -0.20 -37.73 10.61
C PRO C 380 -1.66 -37.73 10.19
N PHE C 381 -1.89 -38.01 8.91
CA PHE C 381 -3.20 -37.76 8.30
C PHE C 381 -4.30 -38.57 8.97
N PHE C 382 -5.40 -37.88 9.28
CA PHE C 382 -6.63 -38.55 9.70
C PHE C 382 -7.54 -38.88 8.52
N ALA C 383 -7.40 -38.15 7.41
CA ALA C 383 -8.15 -38.44 6.20
C ALA C 383 -7.32 -37.94 5.02
N PHE C 384 -6.94 -38.85 4.13
CA PHE C 384 -6.08 -38.56 3.00
C PHE C 384 -6.74 -39.01 1.71
N LYS C 385 -8.02 -38.67 1.54
CA LYS C 385 -8.79 -39.10 0.38
C LYS C 385 -8.45 -38.22 -0.81
N CYS C 386 -7.77 -38.79 -1.80
CA CYS C 386 -7.51 -38.12 -3.07
C CYS C 386 -8.62 -38.48 -4.05
N TYR C 387 -9.07 -37.50 -4.82
CA TYR C 387 -10.23 -37.67 -5.68
C TYR C 387 -9.91 -37.66 -7.17
N GLY C 388 -8.70 -37.29 -7.56
CA GLY C 388 -8.36 -37.29 -8.97
C GLY C 388 -6.95 -37.76 -9.28
N VAL C 389 -6.20 -38.14 -8.24
CA VAL C 389 -4.83 -38.60 -8.37
C VAL C 389 -4.61 -39.76 -7.40
N SER C 390 -3.42 -40.33 -7.44
CA SER C 390 -3.00 -41.41 -6.56
C SER C 390 -1.93 -40.91 -5.59
N PRO C 391 -1.98 -41.34 -4.33
CA PRO C 391 -0.98 -40.84 -3.36
C PRO C 391 0.43 -41.30 -3.66
N THR C 392 0.61 -42.50 -4.23
CA THR C 392 1.94 -43.00 -4.53
C THR C 392 2.44 -42.61 -5.92
N LYS C 393 1.54 -42.21 -6.81
CA LYS C 393 1.91 -41.84 -8.17
C LYS C 393 2.16 -40.34 -8.33
N LEU C 394 2.34 -39.61 -7.22
CA LEU C 394 2.56 -38.17 -7.32
C LEU C 394 3.94 -37.85 -7.88
N ASN C 395 4.93 -38.72 -7.65
CA ASN C 395 6.27 -38.50 -8.15
C ASN C 395 6.41 -38.84 -9.63
N ASP C 396 5.34 -39.33 -10.27
CA ASP C 396 5.38 -39.68 -11.69
C ASP C 396 4.63 -38.68 -12.56
N LEU C 397 3.42 -38.30 -12.16
CA LEU C 397 2.66 -37.32 -12.93
C LEU C 397 3.25 -35.92 -12.73
N CYS C 398 2.83 -35.00 -13.59
CA CYS C 398 3.30 -33.63 -13.53
C CYS C 398 2.15 -32.67 -13.82
N PHE C 399 2.19 -31.51 -13.15
CA PHE C 399 1.17 -30.49 -13.30
C PHE C 399 1.85 -29.14 -13.49
N THR C 400 1.07 -28.16 -13.94
CA THR C 400 1.58 -26.83 -14.22
C THR C 400 1.58 -25.95 -12.97
N ASN C 401 0.42 -25.74 -12.36
CA ASN C 401 0.28 -24.92 -11.17
C ASN C 401 -0.41 -25.72 -10.08
N VAL C 402 0.11 -25.59 -8.86
CA VAL C 402 -0.43 -26.27 -7.69
C VAL C 402 -0.84 -25.22 -6.66
N TYR C 403 -2.08 -25.32 -6.19
CA TYR C 403 -2.61 -24.41 -5.18
C TYR C 403 -2.75 -25.14 -3.87
N ALA C 404 -2.24 -24.54 -2.79
CA ALA C 404 -2.22 -25.15 -1.46
C ALA C 404 -3.05 -24.28 -0.52
N ASP C 405 -4.27 -24.73 -0.23
CA ASP C 405 -5.11 -24.02 0.73
C ASP C 405 -4.74 -24.43 2.16
N SER C 406 -5.15 -23.61 3.11
CA SER C 406 -4.84 -23.84 4.52
C SER C 406 -5.92 -23.24 5.39
N PHE C 407 -6.52 -24.07 6.25
CA PHE C 407 -7.56 -23.60 7.16
C PHE C 407 -7.73 -24.61 8.28
N VAL C 408 -8.25 -24.13 9.41
CA VAL C 408 -8.50 -24.95 10.59
C VAL C 408 -10.01 -25.04 10.80
N ILE C 409 -10.49 -26.25 11.08
CA ILE C 409 -11.90 -26.52 11.32
C ILE C 409 -12.04 -27.46 12.51
N ARG C 410 -13.28 -27.71 12.90
CA ARG C 410 -13.56 -28.56 14.05
C ARG C 410 -13.29 -30.03 13.70
N GLY C 411 -13.03 -30.82 14.74
CA GLY C 411 -12.69 -32.22 14.53
C GLY C 411 -13.79 -33.01 13.84
N ASN C 412 -15.05 -32.76 14.23
CA ASN C 412 -16.18 -33.44 13.61
C ASN C 412 -16.53 -32.87 12.25
N GLU C 413 -15.81 -31.84 11.78
CA GLU C 413 -16.08 -31.22 10.50
C GLU C 413 -15.00 -31.50 9.46
N VAL C 414 -14.09 -32.45 9.73
CA VAL C 414 -13.05 -32.78 8.78
C VAL C 414 -13.64 -33.42 7.53
N SER C 415 -14.67 -34.26 7.71
CA SER C 415 -15.32 -34.92 6.58
C SER C 415 -16.06 -33.95 5.68
N GLN C 416 -16.30 -32.72 6.12
CA GLN C 416 -17.03 -31.76 5.29
C GLN C 416 -16.17 -31.21 4.16
N ILE C 417 -14.84 -31.32 4.25
CA ILE C 417 -13.95 -30.83 3.19
C ILE C 417 -13.82 -31.98 2.19
N ALA C 418 -14.77 -32.03 1.26
CA ALA C 418 -14.83 -33.07 0.24
C ALA C 418 -15.82 -32.66 -0.85
N PRO C 419 -15.61 -33.09 -2.10
CA PRO C 419 -16.54 -32.71 -3.17
C PRO C 419 -17.93 -33.26 -2.93
N GLY C 420 -18.90 -32.34 -2.80
CA GLY C 420 -20.29 -32.71 -2.63
C GLY C 420 -20.80 -32.73 -1.21
N GLN C 421 -19.96 -32.45 -0.23
CA GLN C 421 -20.40 -32.48 1.16
C GLN C 421 -21.15 -31.20 1.52
N THR C 422 -21.82 -31.23 2.66
CA THR C 422 -22.58 -30.10 3.18
C THR C 422 -22.14 -29.81 4.61
N GLY C 423 -22.74 -28.79 5.20
CA GLY C 423 -22.42 -28.38 6.56
C GLY C 423 -22.17 -26.89 6.64
N ASN C 424 -21.81 -26.46 7.85
CA ASN C 424 -21.54 -25.04 8.08
C ASN C 424 -20.25 -24.61 7.38
N ILE C 425 -19.29 -25.53 7.26
CA ILE C 425 -18.02 -25.20 6.61
C ILE C 425 -18.08 -25.49 5.11
N ALA C 426 -18.67 -26.61 4.71
CA ALA C 426 -18.72 -26.99 3.31
C ALA C 426 -19.65 -26.12 2.48
N ASP C 427 -20.46 -25.27 3.11
CA ASP C 427 -21.39 -24.42 2.38
C ASP C 427 -21.21 -22.93 2.61
N TYR C 428 -20.58 -22.53 3.71
CA TYR C 428 -20.43 -21.11 4.03
C TYR C 428 -19.00 -20.63 4.13
N ASN C 429 -18.02 -21.53 4.15
CA ASN C 429 -16.64 -21.09 4.32
C ASN C 429 -15.69 -21.65 3.26
N TYR C 430 -15.88 -22.89 2.84
CA TYR C 430 -14.96 -23.52 1.88
C TYR C 430 -15.67 -24.67 1.21
N LYS C 431 -15.86 -24.57 -0.11
CA LYS C 431 -16.56 -25.59 -0.87
C LYS C 431 -15.71 -26.02 -2.06
N LEU C 432 -15.51 -27.33 -2.19
CA LEU C 432 -14.77 -27.91 -3.30
C LEU C 432 -15.71 -28.25 -4.45
N PRO C 433 -15.26 -28.10 -5.69
CA PRO C 433 -16.12 -28.39 -6.84
C PRO C 433 -16.33 -29.89 -7.01
N ASP C 434 -17.31 -30.22 -7.85
CA ASP C 434 -17.61 -31.62 -8.13
C ASP C 434 -16.54 -32.30 -8.97
N ASP C 435 -15.67 -31.53 -9.62
CA ASP C 435 -14.60 -32.06 -10.45
C ASP C 435 -13.23 -31.72 -9.87
N PHE C 436 -13.11 -31.83 -8.55
CA PHE C 436 -11.84 -31.54 -7.89
C PHE C 436 -10.81 -32.60 -8.20
N THR C 437 -9.57 -32.17 -8.39
CA THR C 437 -8.45 -33.06 -8.72
C THR C 437 -7.31 -32.75 -7.75
N GLY C 438 -7.27 -33.48 -6.64
CA GLY C 438 -6.23 -33.26 -5.65
C GLY C 438 -6.45 -34.13 -4.43
N CYS C 439 -5.79 -33.75 -3.34
CA CYS C 439 -5.88 -34.47 -2.08
C CYS C 439 -6.14 -33.51 -0.94
N VAL C 440 -6.86 -33.99 0.07
CA VAL C 440 -7.16 -33.22 1.27
C VAL C 440 -6.37 -33.82 2.42
N ILE C 441 -5.52 -33.01 3.04
CA ILE C 441 -4.65 -33.44 4.14
C ILE C 441 -5.13 -32.76 5.41
N ALA C 442 -5.34 -33.57 6.46
CA ALA C 442 -5.78 -33.05 7.74
C ALA C 442 -5.13 -33.86 8.86
N TRP C 443 -4.65 -33.16 9.88
CA TRP C 443 -4.01 -33.81 11.02
C TRP C 443 -4.36 -33.07 12.29
N ASN C 444 -4.23 -33.77 13.42
CA ASN C 444 -4.55 -33.18 14.71
C ASN C 444 -3.49 -32.18 15.12
N SER C 445 -3.93 -31.07 15.71
CA SER C 445 -3.04 -30.01 16.17
C SER C 445 -3.46 -29.53 17.56
N ASN C 446 -3.84 -30.47 18.43
CA ASN C 446 -4.27 -30.09 19.77
C ASN C 446 -3.11 -29.59 20.63
N LYS C 447 -1.90 -30.05 20.35
CA LYS C 447 -0.74 -29.65 21.14
C LYS C 447 -0.15 -28.31 20.71
N LEU C 448 -0.60 -27.75 19.60
CA LEU C 448 -0.06 -26.49 19.09
C LEU C 448 -1.11 -25.39 18.98
N ASP C 449 -2.31 -25.71 18.53
CA ASP C 449 -3.36 -24.70 18.29
C ASP C 449 -4.43 -24.72 19.38
N SER C 450 -4.05 -24.94 20.63
CA SER C 450 -5.00 -24.96 21.73
C SER C 450 -4.35 -24.35 22.97
N LYS C 451 -5.15 -23.61 23.73
CA LYS C 451 -4.71 -22.96 24.96
C LYS C 451 -5.73 -23.22 26.06
N PRO C 452 -5.28 -23.26 27.32
CA PRO C 452 -6.23 -23.49 28.41
C PRO C 452 -7.19 -22.34 28.65
N SER C 453 -6.83 -21.13 28.26
CA SER C 453 -7.69 -19.97 28.43
C SER C 453 -8.66 -19.76 27.28
N GLY C 454 -8.63 -20.63 26.27
CA GLY C 454 -9.51 -20.50 25.12
C GLY C 454 -8.88 -19.79 23.96
N ASN C 455 -8.75 -20.47 22.82
CA ASN C 455 -8.13 -19.91 21.62
C ASN C 455 -9.26 -19.47 20.68
N TYR C 456 -9.78 -18.28 20.92
CA TYR C 456 -10.85 -17.71 20.12
C TYR C 456 -10.33 -16.98 18.87
N ASN C 457 -9.03 -17.07 18.58
CA ASN C 457 -8.48 -16.41 17.40
C ASN C 457 -8.95 -17.05 16.10
N TYR C 458 -9.43 -18.29 16.14
CA TYR C 458 -9.94 -18.97 14.97
C TYR C 458 -11.47 -18.87 14.97
N LEU C 459 -12.02 -18.30 13.91
CA LEU C 459 -13.45 -18.06 13.80
C LEU C 459 -14.00 -18.74 12.55
N TYR C 460 -15.29 -19.09 12.61
CA TYR C 460 -15.99 -19.67 11.48
C TYR C 460 -17.33 -18.99 11.31
N ARG C 461 -17.79 -18.90 10.06
CA ARG C 461 -19.06 -18.25 9.77
C ARG C 461 -20.22 -19.17 10.11
N LEU C 462 -21.27 -18.60 10.69
CA LEU C 462 -22.42 -19.39 11.12
C LEU C 462 -23.56 -19.35 10.11
N LEU C 463 -23.81 -18.20 9.49
CA LEU C 463 -24.93 -18.07 8.57
C LEU C 463 -24.54 -17.15 7.42
N ARG C 464 -25.23 -17.33 6.29
CA ARG C 464 -25.01 -16.51 5.10
C ARG C 464 -26.23 -16.65 4.21
N LYS C 465 -26.51 -15.57 3.46
CA LYS C 465 -27.71 -15.55 2.63
C LYS C 465 -27.65 -16.53 1.47
N SER C 466 -26.46 -16.99 1.08
CA SER C 466 -26.32 -17.92 -0.02
C SER C 466 -25.04 -18.71 0.15
N LYS C 467 -25.02 -19.91 -0.45
CA LYS C 467 -23.85 -20.75 -0.38
C LYS C 467 -22.73 -20.20 -1.28
N LEU C 468 -21.49 -20.52 -0.91
CA LEU C 468 -20.34 -20.03 -1.65
C LEU C 468 -20.10 -20.86 -2.90
N LYS C 469 -19.60 -20.20 -3.94
CA LYS C 469 -19.23 -20.87 -5.17
C LYS C 469 -17.96 -21.68 -4.93
N PRO C 470 -17.63 -22.60 -5.84
CA PRO C 470 -16.38 -23.36 -5.69
C PRO C 470 -15.17 -22.42 -5.66
N PHE C 471 -14.33 -22.62 -4.64
CA PHE C 471 -13.13 -21.80 -4.43
C PHE C 471 -13.47 -20.32 -4.26
N GLU C 472 -14.48 -20.01 -3.47
CA GLU C 472 -14.84 -18.63 -3.17
C GLU C 472 -14.45 -18.28 -1.75
N ARG C 473 -13.89 -17.09 -1.59
CA ARG C 473 -13.43 -16.60 -0.29
C ARG C 473 -14.43 -15.59 0.25
N ASP C 474 -14.84 -15.78 1.50
CA ASP C 474 -15.82 -14.91 2.15
C ASP C 474 -15.11 -14.09 3.21
N ILE C 475 -14.92 -12.80 2.94
CA ILE C 475 -14.21 -11.92 3.85
C ILE C 475 -15.14 -10.94 4.57
N SER C 476 -16.36 -10.75 4.10
CA SER C 476 -17.25 -9.76 4.67
C SER C 476 -17.61 -10.11 6.11
N THR C 477 -17.56 -9.10 6.98
CA THR C 477 -17.90 -9.25 8.39
C THR C 477 -19.10 -8.38 8.76
N GLU C 478 -19.96 -8.10 7.78
CA GLU C 478 -21.13 -7.27 8.03
C GLU C 478 -22.15 -8.01 8.91
N ILE C 479 -22.86 -7.23 9.74
CA ILE C 479 -23.84 -7.81 10.64
C ILE C 479 -25.01 -8.35 9.83
N TYR C 480 -25.37 -9.61 10.09
CA TYR C 480 -26.48 -10.24 9.38
C TYR C 480 -27.80 -9.58 9.77
N GLN C 481 -28.69 -9.46 8.79
CA GLN C 481 -29.97 -8.79 8.96
C GLN C 481 -31.08 -9.82 9.05
N ALA C 482 -32.03 -9.59 9.96
CA ALA C 482 -33.16 -10.48 10.14
C ALA C 482 -34.24 -10.29 9.09
N GLY C 483 -34.12 -9.28 8.23
CA GLY C 483 -35.08 -9.02 7.17
C GLY C 483 -36.19 -8.06 7.50
N ASN C 484 -36.74 -8.15 8.72
CA ASN C 484 -37.84 -7.26 9.10
C ASN C 484 -37.38 -5.83 9.25
N LYS C 485 -36.15 -5.63 9.72
CA LYS C 485 -35.61 -4.29 9.92
C LYS C 485 -34.10 -4.35 9.75
N PRO C 486 -33.48 -3.28 9.24
CA PRO C 486 -32.02 -3.28 9.09
C PRO C 486 -31.33 -3.11 10.44
N CYS C 487 -30.10 -3.64 10.51
CA CYS C 487 -29.32 -3.57 11.73
C CYS C 487 -28.48 -2.31 11.84
N ASN C 488 -28.24 -1.62 10.72
CA ASN C 488 -27.50 -0.35 10.70
C ASN C 488 -26.09 -0.50 11.26
N GLY C 489 -25.49 -1.66 11.07
CA GLY C 489 -24.11 -1.88 11.48
C GLY C 489 -23.91 -2.20 12.94
N VAL C 490 -24.98 -2.35 13.72
CA VAL C 490 -24.87 -2.72 15.13
C VAL C 490 -25.61 -4.02 15.37
N ALA C 491 -25.15 -4.77 16.37
CA ALA C 491 -25.72 -6.08 16.68
C ALA C 491 -26.76 -5.93 17.79
N GLY C 492 -27.86 -5.27 17.44
CA GLY C 492 -28.96 -5.09 18.36
C GLY C 492 -29.86 -6.29 18.42
N PRO C 493 -31.15 -6.07 18.62
CA PRO C 493 -32.10 -7.19 18.64
C PRO C 493 -32.24 -7.82 17.26
N ASN C 494 -32.27 -9.16 17.23
CA ASN C 494 -32.37 -9.94 16.00
C ASN C 494 -31.22 -9.66 15.04
N CYS C 495 -30.08 -9.21 15.56
CA CYS C 495 -28.89 -8.94 14.76
C CYS C 495 -27.72 -9.68 15.38
N TYR C 496 -27.13 -10.60 14.61
CA TYR C 496 -26.07 -11.46 15.10
C TYR C 496 -24.81 -11.25 14.27
N SER C 497 -23.66 -11.40 14.94
CA SER C 497 -22.38 -11.29 14.24
C SER C 497 -22.18 -12.51 13.35
N PRO C 498 -21.61 -12.34 12.16
CA PRO C 498 -21.43 -13.48 11.25
C PRO C 498 -20.27 -14.38 11.62
N LEU C 499 -19.33 -13.92 12.43
CA LEU C 499 -18.13 -14.68 12.77
C LEU C 499 -18.22 -15.13 14.23
N GLN C 500 -18.12 -16.43 14.46
CA GLN C 500 -18.12 -17.02 15.79
C GLN C 500 -16.88 -17.87 15.96
N SER C 501 -16.27 -17.80 17.14
CA SER C 501 -15.05 -18.53 17.40
C SER C 501 -15.33 -19.98 17.78
N TYR C 502 -14.32 -20.83 17.59
CA TYR C 502 -14.46 -22.23 17.95
C TYR C 502 -14.37 -22.42 19.46
N GLY C 503 -13.37 -21.81 20.09
CA GLY C 503 -13.16 -21.98 21.51
C GLY C 503 -12.66 -23.37 21.85
N PHE C 504 -11.46 -23.69 21.39
CA PHE C 504 -10.91 -25.04 21.59
C PHE C 504 -10.62 -25.28 23.06
N ARG C 505 -11.12 -26.40 23.58
CA ARG C 505 -10.91 -26.78 24.97
C ARG C 505 -10.03 -28.01 25.03
N PRO C 506 -8.77 -27.90 25.48
CA PRO C 506 -7.88 -29.07 25.51
C PRO C 506 -8.10 -30.00 26.69
N THR C 507 -9.20 -29.85 27.44
CA THR C 507 -9.43 -30.71 28.59
C THR C 507 -9.88 -32.10 28.16
N TYR C 508 -11.03 -32.19 27.52
CA TYR C 508 -11.59 -33.45 27.06
C TYR C 508 -12.41 -33.19 25.81
N GLY C 509 -13.15 -34.22 25.37
CA GLY C 509 -14.02 -34.09 24.23
C GLY C 509 -13.37 -34.46 22.91
N VAL C 510 -13.91 -35.47 22.24
CA VAL C 510 -13.44 -35.88 20.92
C VAL C 510 -14.33 -35.27 19.87
N GLY C 511 -13.76 -35.01 18.69
CA GLY C 511 -14.48 -34.39 17.61
C GLY C 511 -14.54 -32.87 17.65
N HIS C 512 -14.04 -32.26 18.71
CA HIS C 512 -14.00 -30.81 18.84
C HIS C 512 -12.58 -30.25 18.92
N GLN C 513 -11.56 -31.11 18.81
CA GLN C 513 -10.19 -30.64 18.87
C GLN C 513 -9.83 -29.89 17.59
N PRO C 514 -8.83 -29.00 17.66
CA PRO C 514 -8.41 -28.28 16.46
C PRO C 514 -7.66 -29.19 15.49
N TYR C 515 -8.06 -29.15 14.22
CA TYR C 515 -7.45 -29.94 13.17
C TYR C 515 -7.09 -29.02 12.01
N ARG C 516 -5.79 -28.94 11.71
CA ARG C 516 -5.34 -28.17 10.55
C ARG C 516 -5.59 -28.96 9.27
N VAL C 517 -6.06 -28.26 8.24
CA VAL C 517 -6.42 -28.89 6.97
C VAL C 517 -5.69 -28.16 5.85
N VAL C 518 -5.00 -28.93 4.99
CA VAL C 518 -4.33 -28.41 3.81
C VAL C 518 -4.91 -29.12 2.59
N VAL C 519 -5.32 -28.34 1.61
CA VAL C 519 -5.94 -28.86 0.39
C VAL C 519 -5.06 -28.51 -0.79
N LEU C 520 -4.58 -29.53 -1.50
CA LEU C 520 -3.77 -29.37 -2.68
C LEU C 520 -4.64 -29.50 -3.92
N SER C 521 -4.63 -28.49 -4.77
CA SER C 521 -5.44 -28.45 -5.99
C SER C 521 -4.54 -28.55 -7.21
N PHE C 522 -4.91 -29.42 -8.15
CA PHE C 522 -4.17 -29.61 -9.39
C PHE C 522 -5.09 -29.32 -10.57
N GLU C 523 -4.66 -28.44 -11.46
CA GLU C 523 -5.43 -28.05 -12.62
C GLU C 523 -4.73 -28.57 -13.88
N LEU C 524 -5.53 -28.91 -14.89
CA LEU C 524 -4.98 -29.42 -16.15
C LEU C 524 -4.09 -28.37 -16.79
N LEU C 525 -4.68 -27.25 -17.23
CA LEU C 525 -3.95 -26.08 -17.67
C LEU C 525 -2.94 -26.45 -18.78
N HIS C 526 -3.48 -26.78 -19.94
CA HIS C 526 -2.69 -27.39 -21.01
C HIS C 526 -1.71 -26.35 -21.54
N ALA C 527 -0.59 -26.25 -20.84
CA ALA C 527 0.46 -25.28 -21.12
C ALA C 527 1.77 -25.88 -20.66
N PRO C 528 2.91 -25.26 -21.03
CA PRO C 528 4.21 -25.76 -20.53
C PRO C 528 4.25 -25.95 -19.02
N ALA C 529 4.48 -27.18 -18.59
CA ALA C 529 4.45 -27.51 -17.18
C ALA C 529 5.70 -27.00 -16.46
N THR C 530 5.56 -26.78 -15.16
CA THR C 530 6.65 -26.25 -14.34
C THR C 530 6.92 -27.04 -13.06
N VAL C 531 5.95 -27.78 -12.54
CA VAL C 531 6.10 -28.51 -11.28
C VAL C 531 5.89 -29.98 -11.60
N CYS C 532 6.98 -30.70 -11.85
CA CYS C 532 6.95 -32.13 -12.10
C CYS C 532 7.53 -32.87 -10.90
N GLY C 533 7.41 -34.20 -10.93
CA GLY C 533 7.94 -35.05 -9.91
C GLY C 533 9.46 -35.10 -9.96
N PRO C 534 10.08 -35.58 -8.88
CA PRO C 534 11.56 -35.66 -8.82
C PRO C 534 12.11 -36.82 -9.65
N LYS C 535 12.00 -36.70 -10.96
CA LYS C 535 12.52 -37.71 -11.88
C LYS C 535 13.65 -37.17 -12.74
C1 NAG D . 8.28 -27.79 12.59
C2 NAG D . 9.79 -28.06 12.64
C3 NAG D . 10.17 -28.64 13.99
C4 NAG D . 9.66 -27.76 15.12
C5 NAG D . 8.17 -27.46 14.95
C6 NAG D . 7.64 -26.45 15.94
C7 NAG D . 11.23 -28.65 10.75
C8 NAG D . 11.94 -27.36 11.00
N2 NAG D . 10.21 -28.94 11.56
O3 NAG D . 11.58 -28.78 14.06
O4 NAG D . 9.84 -28.41 16.37
O5 NAG D . 7.92 -26.92 13.64
O6 NAG D . 7.82 -25.12 15.47
O7 NAG D . 11.57 -29.42 9.84
C1 NAG D . 11.03 -27.95 17.02
C2 NAG D . 10.82 -27.95 18.53
C3 NAG D . 12.09 -27.54 19.26
C4 NAG D . 13.26 -28.41 18.80
C5 NAG D . 13.38 -28.38 17.28
C6 NAG D . 14.45 -29.31 16.75
C7 NAG D . 8.53 -27.54 19.33
C8 NAG D . 7.51 -26.49 19.67
N2 NAG D . 9.71 -27.09 18.90
O3 NAG D . 11.91 -27.66 20.66
O4 NAG D . 14.47 -27.92 19.38
O5 NAG D . 12.14 -28.79 16.69
O6 NAG D . 13.87 -30.50 16.20
O7 NAG D . 8.30 -28.75 19.43
#